data_3FN2
#
_entry.id   3FN2
#
_cell.length_a   107.252
_cell.length_b   107.252
_cell.length_c   49.710
_cell.angle_alpha   90.000
_cell.angle_beta   90.000
_cell.angle_gamma   120.000
#
_symmetry.space_group_name_H-M   'H 3'
#
loop_
_entity.id
_entity.type
_entity.pdbx_description
1 polymer 'Putative sensor histidine kinase domain'
2 non-polymer 'POTASSIUM ION'
3 non-polymer 'PHOSPHATE ION'
4 non-polymer 1,2-ETHANEDIOL
5 water water
#
_entity_poly.entity_id   1
_entity_poly.type   'polypeptide(L)'
_entity_poly.pdbx_seq_one_letter_code
;SNANGYT(MSE)QRDNQKTLAVY(MSE)FEEINRDVEYLSGRLSEKELKDKYRYYGRGYVRITDKDGQVITYEDGSVQDK
TVFLTNEGANKLGWKLEFLIDEK(MSE)FEEEILEKQN
;
_entity_poly.pdbx_strand_id   A,B
#
loop_
_chem_comp.id
_chem_comp.type
_chem_comp.name
_chem_comp.formula
EDO non-polymer 1,2-ETHANEDIOL 'C2 H6 O2'
K non-polymer 'POTASSIUM ION' 'K 1'
PO4 non-polymer 'PHOSPHATE ION' 'O4 P -3'
#
# COMPACT_ATOMS: atom_id res chain seq x y z
N TYR A 6 10.83 -8.23 -16.46
CA TYR A 6 11.21 -7.25 -15.37
C TYR A 6 11.38 -5.84 -16.01
N THR A 7 10.99 -4.81 -15.23
CA THR A 7 10.98 -3.39 -15.59
C THR A 7 11.31 -2.60 -14.32
N MSE A 8 11.52 -1.30 -14.47
CA MSE A 8 11.55 -0.39 -13.32
C MSE A 8 10.31 -0.45 -12.46
O MSE A 8 10.40 -0.48 -11.24
CB MSE A 8 11.69 1.07 -13.74
CG MSE A 8 11.37 2.01 -12.55
SE MSE A 8 11.13 3.77 -13.14
CE MSE A 8 9.45 3.56 -14.12
N GLN A 9 9.13 -0.42 -13.11
CA GLN A 9 7.86 -0.49 -12.38
C GLN A 9 7.82 -1.75 -11.50
N ARG A 10 8.17 -2.88 -12.06
CA ARG A 10 8.20 -4.09 -11.28
C ARG A 10 9.17 -4.03 -10.11
N ASP A 11 10.34 -3.46 -10.37
CA ASP A 11 11.33 -3.32 -9.31
C ASP A 11 10.82 -2.41 -8.23
N ASN A 12 10.18 -1.30 -8.58
CA ASN A 12 9.58 -0.45 -7.57
C ASN A 12 8.54 -1.22 -6.72
N GLN A 13 7.71 -2.03 -7.37
CA GLN A 13 6.70 -2.81 -6.67
C GLN A 13 7.41 -3.77 -5.72
N LYS A 14 8.47 -4.38 -6.21
CA LYS A 14 9.27 -5.32 -5.42
C LYS A 14 9.82 -4.67 -4.12
N THR A 15 10.24 -3.41 -4.24
CA THR A 15 10.78 -2.65 -3.10
C THR A 15 9.71 -2.41 -2.05
N LEU A 16 8.51 -1.97 -2.46
CA LEU A 16 7.37 -1.84 -1.53
C LEU A 16 6.99 -3.18 -0.89
N ALA A 17 6.87 -4.18 -1.71
CA ALA A 17 6.61 -5.53 -1.18
C ALA A 17 7.59 -5.95 -0.10
N VAL A 18 8.87 -5.91 -0.39
CA VAL A 18 9.89 -6.39 0.54
C VAL A 18 9.88 -5.56 1.86
N TYR A 19 9.70 -4.26 1.76
CA TYR A 19 9.56 -3.38 2.93
C TYR A 19 8.47 -3.91 3.87
N MSE A 20 7.30 -4.24 3.32
N MSE A 20 7.31 -4.24 3.30
CA MSE A 20 6.19 -4.72 4.14
CA MSE A 20 6.17 -4.77 4.06
C MSE A 20 6.41 -6.15 4.62
C MSE A 20 6.44 -6.13 4.62
O MSE A 20 6.12 -6.43 5.78
O MSE A 20 6.18 -6.37 5.80
CB MSE A 20 4.82 -4.54 3.43
CB MSE A 20 4.90 -4.85 3.20
CG MSE A 20 4.31 -3.11 3.45
CG MSE A 20 4.30 -3.54 2.82
SE MSE A 20 2.50 -2.87 2.68
SE MSE A 20 2.56 -3.83 1.90
CE MSE A 20 3.03 -3.35 0.89
CE MSE A 20 2.37 -2.10 1.09
N PHE A 21 6.98 -7.02 3.79
CA PHE A 21 7.28 -8.39 4.22
C PHE A 21 8.23 -8.35 5.41
N GLU A 22 9.25 -7.51 5.30
CA GLU A 22 10.25 -7.43 6.37
C GLU A 22 9.64 -6.83 7.65
N GLU A 23 8.80 -5.83 7.50
CA GLU A 23 8.18 -5.20 8.66
C GLU A 23 7.30 -6.20 9.38
N ILE A 24 6.49 -6.93 8.64
CA ILE A 24 5.52 -7.83 9.24
C ILE A 24 6.29 -8.92 9.99
N ASN A 25 7.28 -9.50 9.33
CA ASN A 25 8.00 -10.64 9.93
C ASN A 25 8.80 -10.23 11.16
N ARG A 26 9.39 -9.04 11.14
CA ARG A 26 10.19 -8.56 12.26
C ARG A 26 9.29 -8.32 13.47
N ASP A 27 8.19 -7.63 13.25
CA ASP A 27 7.23 -7.34 14.30
C ASP A 27 6.70 -8.60 14.95
N VAL A 28 6.31 -9.55 14.12
CA VAL A 28 5.77 -10.78 14.63
C VAL A 28 6.83 -11.48 15.44
N GLU A 29 8.08 -11.41 15.00
CA GLU A 29 9.15 -12.04 15.77
C GLU A 29 9.24 -11.50 17.22
N TYR A 30 9.10 -10.19 17.38
CA TYR A 30 9.17 -9.53 18.68
C TYR A 30 7.89 -9.53 19.50
N LEU A 31 6.74 -9.39 18.85
CA LEU A 31 5.49 -9.27 19.58
C LEU A 31 4.79 -10.61 19.88
N SER A 32 5.18 -11.65 19.14
CA SER A 32 4.58 -12.99 19.22
C SER A 32 4.25 -13.41 20.65
N GLY A 33 5.26 -13.39 21.51
CA GLY A 33 5.08 -13.78 22.90
C GLY A 33 4.11 -12.90 23.69
N ARG A 34 4.23 -11.59 23.51
CA ARG A 34 3.58 -10.62 24.38
C ARG A 34 2.09 -10.51 24.07
N LEU A 35 1.76 -10.42 22.78
CA LEU A 35 0.38 -10.24 22.34
C LEU A 35 -0.26 -11.60 22.03
N SER A 36 -1.59 -11.66 22.11
CA SER A 36 -2.31 -12.85 21.67
C SER A 36 -2.41 -12.85 20.13
N GLU A 37 -2.62 -14.04 19.58
CA GLU A 37 -2.82 -14.16 18.13
C GLU A 37 -3.94 -13.21 17.67
N LYS A 38 -5.05 -13.16 18.40
CA LYS A 38 -6.14 -12.24 18.01
C LYS A 38 -5.67 -10.77 17.98
N GLU A 39 -4.88 -10.38 18.98
CA GLU A 39 -4.30 -9.03 19.05
C GLU A 39 -3.41 -8.70 17.84
N LEU A 40 -2.51 -9.61 17.49
CA LEU A 40 -1.64 -9.46 16.30
C LEU A 40 -2.46 -9.48 15.00
N LYS A 41 -3.43 -10.41 14.92
CA LYS A 41 -4.30 -10.43 13.75
C LYS A 41 -5.03 -9.11 13.60
N ASP A 42 -5.59 -8.62 14.70
CA ASP A 42 -6.26 -7.32 14.70
C ASP A 42 -5.31 -6.23 14.23
N LYS A 43 -4.08 -6.26 14.74
CA LYS A 43 -3.04 -5.28 14.36
C LYS A 43 -2.82 -5.27 12.83
N TYR A 44 -2.82 -6.46 12.22
CA TYR A 44 -2.48 -6.61 10.79
C TYR A 44 -3.69 -6.66 9.83
N ARG A 45 -4.91 -6.52 10.36
CA ARG A 45 -6.12 -6.62 9.55
C ARG A 45 -6.12 -5.67 8.35
N TYR A 46 -5.75 -4.43 8.63
CA TYR A 46 -5.72 -3.42 7.60
C TYR A 46 -4.30 -3.01 7.19
N TYR A 47 -3.28 -3.67 7.72
CA TYR A 47 -1.91 -3.27 7.49
C TYR A 47 -1.62 -3.36 5.98
N GLY A 48 -1.30 -2.23 5.36
CA GLY A 48 -0.90 -2.17 3.90
C GLY A 48 -2.06 -2.07 2.92
N ARG A 49 -3.29 -2.04 3.43
CA ARG A 49 -4.44 -1.84 2.59
C ARG A 49 -4.60 -0.38 2.16
N GLY A 50 -4.04 0.56 2.91
CA GLY A 50 -4.14 1.96 2.47
C GLY A 50 -3.34 2.24 1.20
N TYR A 51 -3.79 3.18 0.35
CA TYR A 51 -3.09 3.44 -0.88
C TYR A 51 -3.14 4.93 -1.07
N VAL A 52 -2.29 5.43 -1.93
CA VAL A 52 -2.25 6.84 -2.26
C VAL A 52 -2.95 7.11 -3.58
N ARG A 53 -3.68 8.21 -3.59
CA ARG A 53 -4.19 8.73 -4.76
C ARG A 53 -3.46 10.02 -5.02
N ILE A 54 -2.81 10.08 -6.17
CA ILE A 54 -2.04 11.21 -6.58
C ILE A 54 -2.82 11.98 -7.63
N THR A 55 -2.98 13.28 -7.39
CA THR A 55 -3.67 14.22 -8.27
C THR A 55 -2.71 15.30 -8.69
N ASP A 56 -2.66 15.64 -9.99
CA ASP A 56 -1.73 16.69 -10.44
C ASP A 56 -2.34 18.04 -10.13
N LYS A 57 -1.61 19.12 -10.41
CA LYS A 57 -2.04 20.45 -10.02
C LYS A 57 -3.26 20.92 -10.78
N ASP A 58 -3.55 20.25 -11.90
CA ASP A 58 -4.74 20.56 -12.68
C ASP A 58 -5.91 19.61 -12.37
N GLY A 59 -5.85 18.95 -11.21
CA GLY A 59 -6.94 18.08 -10.78
C GLY A 59 -7.07 16.73 -11.49
N GLN A 60 -6.10 16.37 -12.32
CA GLN A 60 -6.16 15.10 -13.05
C GLN A 60 -5.49 14.00 -12.22
N VAL A 61 -6.20 12.91 -11.98
CA VAL A 61 -5.69 11.80 -11.15
C VAL A 61 -4.61 11.01 -11.91
N ILE A 62 -3.50 10.75 -11.23
CA ILE A 62 -2.32 10.11 -11.83
C ILE A 62 -2.37 8.62 -11.51
N THR A 63 -2.87 8.32 -10.33
CA THR A 63 -2.92 6.96 -9.84
C THR A 63 -4.00 6.25 -10.63
N TYR A 64 -3.74 5.00 -10.96
CA TYR A 64 -4.76 4.14 -11.43
C TYR A 64 -5.88 4.05 -10.38
N GLU A 65 -7.11 4.13 -10.86
CA GLU A 65 -8.28 3.93 -10.02
C GLU A 65 -9.28 3.12 -10.83
N ASP A 66 -9.83 2.13 -10.14
CA ASP A 66 -10.93 1.35 -10.63
C ASP A 66 -11.94 1.26 -9.46
N GLY A 67 -13.05 0.61 -9.65
CA GLY A 67 -14.07 0.54 -8.60
C GLY A 67 -14.49 1.93 -8.12
N SER A 68 -14.76 2.04 -6.83
CA SER A 68 -15.38 3.24 -6.31
C SER A 68 -14.72 3.59 -5.01
N VAL A 69 -14.80 4.85 -4.61
CA VAL A 69 -14.41 5.25 -3.27
C VAL A 69 -15.57 5.31 -2.24
N GLN A 70 -16.74 4.78 -2.63
CA GLN A 70 -17.90 4.56 -1.76
C GLN A 70 -17.59 4.18 -0.33
N ASP A 71 -16.78 3.15 -0.23
CA ASP A 71 -16.44 2.55 1.04
C ASP A 71 -14.99 2.86 1.49
N LYS A 72 -14.43 3.95 0.97
CA LYS A 72 -13.08 4.44 1.36
C LYS A 72 -13.23 5.74 2.13
N THR A 73 -12.16 6.12 2.84
CA THR A 73 -12.11 7.40 3.52
C THR A 73 -10.65 7.89 3.40
N VAL A 74 -10.48 9.21 3.28
CA VAL A 74 -9.16 9.81 3.17
C VAL A 74 -8.69 9.96 4.62
N PHE A 75 -7.63 9.27 4.97
CA PHE A 75 -7.07 9.29 6.30
C PHE A 75 -6.05 10.44 6.51
N LEU A 76 -5.29 10.76 5.46
CA LEU A 76 -4.21 11.75 5.50
C LEU A 76 -4.01 12.33 4.12
N THR A 77 -3.67 13.61 4.08
CA THR A 77 -3.44 14.36 2.85
C THR A 77 -2.09 15.10 2.92
N ASN A 78 -1.38 15.14 1.80
CA ASN A 78 -0.20 15.99 1.67
C ASN A 78 -0.43 16.93 0.50
N GLU A 79 -0.45 18.24 0.77
CA GLU A 79 -0.53 19.26 -0.29
C GLU A 79 0.49 20.35 -0.03
N GLY A 80 0.85 21.07 -1.09
CA GLY A 80 1.81 22.18 -1.00
C GLY A 80 3.26 21.80 -0.83
N ALA A 81 3.57 20.51 -0.81
CA ALA A 81 4.93 20.03 -0.59
C ALA A 81 5.56 19.56 -1.90
N ASN A 82 4.75 19.08 -2.84
CA ASN A 82 5.27 18.44 -4.04
C ASN A 82 5.73 19.45 -5.08
N LYS A 83 6.91 19.22 -5.65
CA LYS A 83 7.50 20.14 -6.63
C LYS A 83 6.65 20.34 -7.89
N LEU A 84 5.88 19.32 -8.28
CA LEU A 84 5.03 19.41 -9.46
C LEU A 84 3.64 19.96 -9.14
N GLY A 85 3.38 20.26 -7.87
CA GLY A 85 2.07 20.68 -7.43
C GLY A 85 1.13 19.53 -7.23
N TRP A 86 1.68 18.31 -7.11
CA TRP A 86 0.82 17.18 -6.88
C TRP A 86 0.18 17.22 -5.48
N LYS A 87 -1.05 16.72 -5.40
CA LYS A 87 -1.70 16.48 -4.13
C LYS A 87 -1.67 15.00 -3.91
N LEU A 88 -1.40 14.60 -2.68
CA LEU A 88 -1.38 13.21 -2.30
C LEU A 88 -2.40 12.92 -1.22
N GLU A 89 -3.23 11.89 -1.44
CA GLU A 89 -4.22 11.48 -0.44
C GLU A 89 -4.02 10.01 -0.13
N PHE A 90 -4.14 9.66 1.13
CA PHE A 90 -3.98 8.29 1.58
C PHE A 90 -5.37 7.79 1.96
N LEU A 91 -5.85 6.76 1.25
CA LEU A 91 -7.23 6.24 1.38
C LEU A 91 -7.20 4.87 2.03
N ILE A 92 -8.11 4.64 2.95
CA ILE A 92 -8.21 3.38 3.64
C ILE A 92 -9.69 2.98 3.69
N ASP A 93 -9.92 1.69 3.94
CA ASP A 93 -11.25 1.14 4.13
C ASP A 93 -12.00 1.85 5.25
N GLU A 94 -13.17 2.40 4.91
CA GLU A 94 -14.06 2.96 5.93
C GLU A 94 -14.42 1.90 6.99
N LYS A 95 -14.43 0.63 6.59
CA LYS A 95 -14.72 -0.50 7.52
C LYS A 95 -13.80 -0.45 8.75
N MSE A 96 -12.53 -0.09 8.56
CA MSE A 96 -11.62 0.00 9.69
C MSE A 96 -12.19 0.93 10.76
O MSE A 96 -12.19 0.58 11.93
CB MSE A 96 -10.24 0.50 9.27
CG MSE A 96 -9.25 0.69 10.44
SE MSE A 96 -7.49 1.26 9.75
CE MSE A 96 -7.60 3.16 10.13
N PHE A 97 -12.64 2.12 10.32
CA PHE A 97 -13.19 3.12 11.24
C PHE A 97 -14.51 2.69 11.83
N GLU A 98 -15.33 2.03 11.02
CA GLU A 98 -16.59 1.48 11.49
C GLU A 98 -16.34 0.46 12.60
N GLU A 99 -15.35 -0.40 12.41
CA GLU A 99 -15.01 -1.41 13.41
C GLU A 99 -14.42 -0.83 14.71
N GLU A 100 -13.71 0.31 14.61
CA GLU A 100 -13.21 1.03 15.81
C GLU A 100 -14.38 1.53 16.69
N ILE A 101 -15.48 1.93 16.07
CA ILE A 101 -16.71 2.31 16.80
C ILE A 101 -17.24 1.10 17.61
N LEU A 102 -17.46 -0.02 16.92
CA LEU A 102 -17.87 -1.28 17.54
C LEU A 102 -16.71 -1.84 18.40
N TYR B 6 -7.27 8.83 18.59
CA TYR B 6 -6.07 8.24 17.95
C TYR B 6 -5.82 6.87 18.60
N THR B 7 -5.54 5.86 17.79
CA THR B 7 -5.33 4.48 18.25
C THR B 7 -4.00 4.00 17.66
N MSE B 8 -3.49 2.85 18.11
CA MSE B 8 -2.30 2.23 17.53
C MSE B 8 -2.50 1.95 16.03
O MSE B 8 -1.62 2.25 15.23
CB MSE B 8 -1.91 0.95 18.24
CG MSE B 8 -0.85 0.14 17.46
SE MSE B 8 -0.77 -1.62 18.19
CE MSE B 8 -2.23 -2.30 17.09
N GLN B 9 -3.63 1.32 15.67
CA GLN B 9 -3.95 1.06 14.26
C GLN B 9 -3.85 2.31 13.42
N ARG B 10 -4.39 3.41 13.90
CA ARG B 10 -4.30 4.67 13.15
C ARG B 10 -2.88 5.22 13.02
N ASP B 11 -2.13 5.13 14.11
CA ASP B 11 -0.76 5.55 14.07
C ASP B 11 0.02 4.69 13.12
N ASN B 12 -0.23 3.36 13.09
CA ASN B 12 0.45 2.52 12.15
C ASN B 12 0.13 2.93 10.69
N GLN B 13 -1.13 3.23 10.40
CA GLN B 13 -1.52 3.66 9.06
C GLN B 13 -0.79 4.95 8.70
N LYS B 14 -0.70 5.83 9.67
CA LYS B 14 -0.01 7.10 9.52
C LYS B 14 1.43 6.89 9.07
N THR B 15 2.09 5.89 9.69
CA THR B 15 3.49 5.58 9.37
C THR B 15 3.64 5.10 7.93
N LEU B 16 2.72 4.25 7.44
CA LEU B 16 2.76 3.86 6.03
C LEU B 16 2.50 5.05 5.10
N ALA B 17 1.51 5.82 5.46
CA ALA B 17 1.13 6.96 4.61
C ALA B 17 2.30 7.88 4.49
N VAL B 18 2.86 8.28 5.61
CA VAL B 18 4.02 9.19 5.62
C VAL B 18 5.24 8.64 4.86
N TYR B 19 5.55 7.36 4.99
CA TYR B 19 6.58 6.73 4.19
C TYR B 19 6.38 7.01 2.68
N MSE B 20 5.16 6.77 2.20
N MSE B 20 5.17 6.81 2.17
CA MSE B 20 4.82 6.92 0.78
CA MSE B 20 4.95 6.94 0.75
C MSE B 20 4.86 8.39 0.36
C MSE B 20 4.86 8.42 0.33
O MSE B 20 5.48 8.73 -0.65
O MSE B 20 5.43 8.79 -0.69
CB MSE B 20 3.44 6.28 0.49
CB MSE B 20 3.72 6.12 0.35
CG MSE B 20 3.37 4.73 0.64
CG MSE B 20 3.95 4.58 0.46
SE MSE B 20 1.55 3.95 0.33
SE MSE B 20 2.54 3.64 -0.50
CE MSE B 20 2.01 2.05 0.40
CE MSE B 20 1.30 5.10 -0.54
N PHE B 21 4.24 9.26 1.15
CA PHE B 21 4.24 10.70 0.85
C PHE B 21 5.65 11.27 0.67
N GLU B 22 6.52 10.94 1.61
N GLU B 22 6.53 10.97 1.63
CA GLU B 22 7.88 11.45 1.62
CA GLU B 22 7.90 11.45 1.60
C GLU B 22 8.72 10.90 0.45
C GLU B 22 8.69 10.91 0.40
N GLU B 23 8.55 9.62 0.13
CA GLU B 23 9.20 9.02 -1.02
C GLU B 23 8.74 9.67 -2.32
N ILE B 24 7.42 9.85 -2.48
CA ILE B 24 6.90 10.43 -3.70
C ILE B 24 7.43 11.85 -3.86
N ASN B 25 7.37 12.64 -2.81
CA ASN B 25 7.82 14.03 -2.88
C ASN B 25 9.33 14.18 -3.09
N ARG B 26 10.11 13.31 -2.44
CA ARG B 26 11.56 13.34 -2.59
C ARG B 26 11.97 13.00 -4.02
N ASP B 27 11.33 11.97 -4.58
CA ASP B 27 11.59 11.50 -5.94
C ASP B 27 11.27 12.63 -6.94
N VAL B 28 10.12 13.24 -6.81
CA VAL B 28 9.71 14.28 -7.73
C VAL B 28 10.67 15.47 -7.67
N GLU B 29 11.14 15.82 -6.48
N GLU B 29 11.14 15.82 -6.48
CA GLU B 29 12.12 16.89 -6.31
CA GLU B 29 12.13 16.89 -6.32
C GLU B 29 13.33 16.69 -7.25
C GLU B 29 13.33 16.69 -7.26
N TYR B 30 13.75 15.43 -7.42
CA TYR B 30 14.86 15.08 -8.30
C TYR B 30 14.53 14.77 -9.76
N LEU B 31 13.47 14.03 -10.00
CA LEU B 31 13.25 13.54 -11.36
C LEU B 31 12.44 14.47 -12.31
N SER B 32 11.78 15.50 -11.77
CA SER B 32 10.83 16.30 -12.58
C SER B 32 11.48 16.91 -13.84
N GLY B 33 12.65 17.51 -13.67
CA GLY B 33 13.41 18.01 -14.82
C GLY B 33 13.88 16.96 -15.81
N ARG B 34 14.17 15.76 -15.32
CA ARG B 34 14.85 14.74 -16.11
C ARG B 34 13.89 13.86 -16.92
N LEU B 35 12.86 13.38 -16.25
CA LEU B 35 11.84 12.57 -16.89
C LEU B 35 10.78 13.51 -17.45
N SER B 36 10.11 13.08 -18.51
CA SER B 36 8.93 13.78 -19.01
C SER B 36 7.74 13.57 -18.08
N GLU B 37 6.70 14.38 -18.27
CA GLU B 37 5.47 14.22 -17.49
C GLU B 37 4.92 12.82 -17.69
N LYS B 38 4.80 12.38 -18.94
CA LYS B 38 4.39 10.99 -19.20
C LYS B 38 5.22 9.98 -18.40
N GLU B 39 6.53 10.25 -18.28
CA GLU B 39 7.47 9.34 -17.59
C GLU B 39 7.19 9.22 -16.09
N LEU B 40 7.21 10.36 -15.39
CA LEU B 40 6.95 10.40 -13.96
C LEU B 40 5.54 9.94 -13.63
N LYS B 41 4.55 10.20 -14.50
CA LYS B 41 3.18 9.85 -14.19
C LYS B 41 3.03 8.35 -14.40
N ASP B 42 3.65 7.85 -15.46
CA ASP B 42 3.71 6.41 -15.67
C ASP B 42 4.41 5.73 -14.50
N LYS B 43 5.48 6.33 -13.96
CA LYS B 43 6.17 5.72 -12.81
C LYS B 43 5.25 5.57 -11.57
N TYR B 44 4.43 6.60 -11.31
CA TYR B 44 3.56 6.63 -10.12
C TYR B 44 2.16 6.04 -10.27
N ARG B 45 1.80 5.59 -11.47
CA ARG B 45 0.48 5.09 -11.75
C ARG B 45 0.02 4.04 -10.79
N TYR B 46 0.87 3.04 -10.53
CA TYR B 46 0.55 1.97 -9.62
C TYR B 46 1.22 2.04 -8.25
N TYR B 47 1.98 3.11 -7.99
CA TYR B 47 2.78 3.17 -6.77
C TYR B 47 1.87 3.21 -5.55
N GLY B 48 2.05 2.23 -4.69
CA GLY B 48 1.29 2.14 -3.43
C GLY B 48 0.00 1.35 -3.53
N ARG B 49 -0.37 0.92 -4.75
CA ARG B 49 -1.64 0.27 -4.97
C ARG B 49 -1.57 -1.19 -4.51
N GLY B 50 -0.37 -1.74 -4.42
CA GLY B 50 -0.21 -3.15 -4.01
C GLY B 50 -0.46 -3.34 -2.51
N TYR B 51 -0.90 -4.54 -2.10
CA TYR B 51 -1.15 -4.81 -0.69
C TYR B 51 -0.72 -6.23 -0.42
N VAL B 52 -0.56 -6.54 0.86
CA VAL B 52 -0.17 -7.90 1.30
C VAL B 52 -1.41 -8.58 1.84
N ARG B 53 -1.60 -9.81 1.38
CA ARG B 53 -2.57 -10.65 1.93
C ARG B 53 -1.81 -11.60 2.83
N ILE B 54 -2.15 -11.50 4.11
CA ILE B 54 -1.56 -12.32 5.13
C ILE B 54 -2.52 -13.44 5.39
N THR B 55 -2.02 -14.66 5.27
CA THR B 55 -2.81 -15.82 5.55
C THR B 55 -2.15 -16.54 6.69
N ASP B 56 -2.98 -16.91 7.66
CA ASP B 56 -2.46 -17.58 8.83
C ASP B 56 -2.07 -19.01 8.46
N LYS B 57 -1.53 -19.75 9.43
CA LYS B 57 -0.90 -21.04 9.16
C LYS B 57 -1.91 -22.14 8.82
N ASP B 58 -3.17 -21.87 9.11
CA ASP B 58 -4.24 -22.81 8.80
C ASP B 58 -5.04 -22.45 7.55
N GLY B 59 -4.63 -21.43 6.81
CA GLY B 59 -5.33 -21.06 5.60
C GLY B 59 -6.31 -19.92 5.80
N GLN B 60 -6.41 -19.38 7.01
CA GLN B 60 -7.37 -18.31 7.29
C GLN B 60 -6.75 -16.94 7.02
N VAL B 61 -7.36 -16.18 6.12
CA VAL B 61 -6.82 -14.87 5.72
C VAL B 61 -7.04 -13.88 6.84
N ILE B 62 -5.97 -13.25 7.27
CA ILE B 62 -6.00 -12.28 8.34
C ILE B 62 -6.35 -10.89 7.76
N THR B 63 -5.82 -10.60 6.60
CA THR B 63 -6.04 -9.32 5.97
C THR B 63 -7.52 -9.16 5.53
N TYR B 64 -8.09 -8.00 5.83
CA TYR B 64 -9.39 -7.67 5.28
C TYR B 64 -9.29 -7.54 3.74
N GLU B 65 -10.21 -8.17 3.02
CA GLU B 65 -10.28 -7.99 1.56
C GLU B 65 -11.72 -7.73 1.15
N ASP B 66 -11.91 -7.03 0.04
CA ASP B 66 -13.26 -6.85 -0.55
C ASP B 66 -13.30 -7.43 -1.98
N GLY B 67 -14.42 -7.26 -2.67
CA GLY B 67 -14.65 -7.83 -4.03
C GLY B 67 -13.61 -7.52 -5.10
N SER B 68 -12.97 -6.34 -5.01
CA SER B 68 -11.78 -5.93 -5.81
C SER B 68 -10.76 -7.02 -6.17
N VAL B 69 -10.66 -8.00 -5.28
CA VAL B 69 -9.58 -9.00 -5.28
C VAL B 69 -9.48 -9.80 -6.59
N GLN B 70 -10.62 -9.99 -7.25
CA GLN B 70 -10.67 -10.63 -8.56
C GLN B 70 -9.79 -9.92 -9.59
N ASP B 71 -9.59 -8.62 -9.45
CA ASP B 71 -8.77 -7.87 -10.42
C ASP B 71 -7.29 -7.68 -10.01
N LYS B 72 -6.85 -8.46 -9.02
CA LYS B 72 -5.50 -8.38 -8.46
CA LYS B 72 -5.50 -8.38 -8.48
C LYS B 72 -4.76 -9.67 -8.75
N THR B 73 -3.44 -9.58 -8.77
CA THR B 73 -2.57 -10.69 -9.12
C THR B 73 -1.42 -10.73 -8.15
N VAL B 74 -1.10 -11.93 -7.68
CA VAL B 74 -0.01 -12.12 -6.75
C VAL B 74 1.28 -11.97 -7.53
N PHE B 75 2.12 -11.06 -7.08
CA PHE B 75 3.35 -10.68 -7.76
C PHE B 75 4.54 -11.24 -7.03
N LEU B 76 4.47 -11.25 -5.69
CA LEU B 76 5.55 -11.77 -4.87
C LEU B 76 4.98 -12.45 -3.59
N THR B 77 5.73 -13.43 -3.09
CA THR B 77 5.30 -14.27 -2.01
C THR B 77 6.42 -14.43 -0.99
N ASN B 78 6.09 -14.33 0.30
CA ASN B 78 7.01 -14.66 1.36
C ASN B 78 6.45 -15.82 2.18
N GLU B 79 7.21 -16.91 2.25
CA GLU B 79 6.79 -18.12 2.97
C GLU B 79 7.92 -18.75 3.78
N GLY B 80 7.57 -19.23 4.98
CA GLY B 80 8.49 -20.03 5.80
C GLY B 80 9.38 -19.15 6.69
N ALA B 81 9.20 -17.84 6.61
CA ALA B 81 10.02 -16.87 7.32
C ALA B 81 9.33 -16.41 8.61
N ASN B 82 8.01 -16.29 8.59
CA ASN B 82 7.25 -15.72 9.68
C ASN B 82 7.21 -16.69 10.85
N LYS B 83 7.39 -16.18 12.07
CA LYS B 83 7.51 -17.06 13.21
C LYS B 83 6.17 -17.64 13.64
N LEU B 84 5.05 -17.02 13.24
CA LEU B 84 3.73 -17.63 13.46
C LEU B 84 3.25 -18.50 12.29
N GLY B 85 4.11 -18.74 11.30
CA GLY B 85 3.72 -19.55 10.12
C GLY B 85 2.80 -18.80 9.15
N TRP B 86 2.81 -17.48 9.21
CA TRP B 86 2.03 -16.69 8.27
C TRP B 86 2.63 -16.79 6.85
N LYS B 87 1.75 -16.69 5.84
CA LYS B 87 2.14 -16.57 4.43
C LYS B 87 1.75 -15.19 3.99
N LEU B 88 2.69 -14.50 3.32
CA LEU B 88 2.50 -13.14 2.87
C LEU B 88 2.56 -13.14 1.34
N GLU B 89 1.53 -12.59 0.74
CA GLU B 89 1.45 -12.51 -0.71
C GLU B 89 1.24 -11.05 -1.05
N PHE B 90 2.02 -10.53 -1.99
CA PHE B 90 1.87 -9.14 -2.43
C PHE B 90 1.09 -9.14 -3.74
N LEU B 91 -0.03 -8.39 -3.74
CA LEU B 91 -1.00 -8.36 -4.84
C LEU B 91 -1.04 -7.00 -5.46
N ILE B 92 -0.99 -6.96 -6.77
CA ILE B 92 -1.06 -5.69 -7.52
C ILE B 92 -2.18 -5.82 -8.57
N ASP B 93 -2.67 -4.69 -9.08
CA ASP B 93 -3.67 -4.68 -10.15
C ASP B 93 -3.18 -5.43 -11.38
N GLU B 94 -4.02 -6.33 -11.90
CA GLU B 94 -3.72 -7.03 -13.14
C GLU B 94 -3.60 -6.02 -14.26
N LYS B 95 -4.32 -4.90 -14.15
CA LYS B 95 -4.24 -3.85 -15.16
C LYS B 95 -2.78 -3.43 -15.42
N MSE B 96 -1.94 -3.45 -14.39
CA MSE B 96 -0.53 -3.07 -14.60
C MSE B 96 0.15 -4.00 -15.61
O MSE B 96 0.85 -3.54 -16.53
CB MSE B 96 0.21 -3.02 -13.29
CG MSE B 96 1.69 -2.60 -13.43
SE MSE B 96 2.65 -2.61 -11.71
CE MSE B 96 3.12 -4.48 -11.64
N PHE B 97 -0.01 -5.31 -15.42
CA PHE B 97 0.57 -6.27 -16.32
C PHE B 97 -0.01 -6.20 -17.76
N GLU B 98 -1.30 -5.90 -17.86
CA GLU B 98 -1.98 -5.72 -19.11
C GLU B 98 -1.42 -4.52 -19.85
N GLU B 99 -1.19 -3.42 -19.15
CA GLU B 99 -0.60 -2.27 -19.83
C GLU B 99 0.88 -2.46 -20.22
N GLU B 100 1.61 -3.27 -19.49
CA GLU B 100 3.02 -3.52 -19.81
C GLU B 100 3.16 -4.29 -21.10
N ILE B 101 2.24 -5.20 -21.31
CA ILE B 101 2.26 -6.15 -22.42
C ILE B 101 2.01 -5.46 -23.78
N LEU B 102 1.38 -4.29 -23.76
CA LEU B 102 1.18 -3.47 -24.95
C LEU B 102 2.41 -2.56 -25.15
K K C . -1.35 -0.45 -0.45
P PO4 D . -5.82 -13.48 -6.89
O1 PO4 D . -6.59 -14.03 -8.06
O2 PO4 D . -5.59 -14.55 -5.84
O3 PO4 D . -4.48 -12.97 -7.37
O4 PO4 D . -6.60 -12.33 -6.27
C1 EDO E . -6.96 -11.55 -11.34
O1 EDO E . -7.02 -12.51 -10.29
C2 EDO E . -5.62 -11.51 -12.09
O2 EDO E . -4.74 -12.60 -11.79
#